data_4ZZ0
#
_entry.id   4ZZ0
#
_cell.length_a   75.240
_cell.length_b   75.240
_cell.length_c   100.409
_cell.angle_alpha   90.000
_cell.angle_beta   90.000
_cell.angle_gamma   120.000
#
_symmetry.space_group_name_H-M   'P 32 2 1'
#
loop_
_entity.id
_entity.type
_entity.pdbx_description
1 polymer 'Trifunctional purine biosynthetic protein adenosine-3'
2 non-polymer 'GLYCINAMIDE RIBONUCLEOTIDE'
3 non-polymer '(S)-2-(8-(2-Amino-4-oxo-4,7-dihydro-3H-pyrrolo[2,3-d]pyrimidin-6-yl)octanamido)pentanedioic acid'
4 water water
#
_entity_poly.entity_id   1
_entity_poly.type   'polypeptide(L)'
_entity_poly.pdbx_seq_one_letter_code
;MARVAVLISGTGSNLQALIDSTREPNSSAQIDIVISNKAAVAGLDKAERAGIPTRVINHKLYKNRVEFDSAIDLVLEEFS
IDIVCLAGFMRILSGPFVQKWNGKMLNIHPSLLPSFKGSNAHEQALETGVTVTGCTVHFVAEDVDAGQIILQEAVPVKRG
DTVATLSERVKLAEHKIFPAALQLVASGTVQLGENGKICWVKEEHHHHHH
;
_entity_poly.pdbx_strand_id   A
#
# COMPACT_ATOMS: atom_id res chain seq x y z
N ALA A 2 16.07 -4.73 -3.83
CA ALA A 2 14.82 -4.87 -4.58
C ALA A 2 14.29 -3.52 -5.04
N ARG A 3 13.77 -3.51 -6.26
CA ARG A 3 13.27 -2.30 -6.91
C ARG A 3 11.78 -2.15 -6.68
N VAL A 4 11.36 -0.97 -6.21
CA VAL A 4 9.99 -0.79 -5.74
C VAL A 4 9.26 0.31 -6.49
N ALA A 5 8.01 0.06 -6.84
CA ALA A 5 7.09 1.08 -7.31
C ALA A 5 6.10 1.39 -6.20
N VAL A 6 5.81 2.67 -5.96
CA VAL A 6 4.76 2.99 -5.01
C VAL A 6 3.61 3.61 -5.79
N LEU A 7 2.41 3.04 -5.63
CA LEU A 7 1.22 3.55 -6.29
C LEU A 7 0.40 4.35 -5.28
N ILE A 8 -0.10 5.52 -5.70
CA ILE A 8 -0.81 6.43 -4.81
C ILE A 8 -2.06 6.99 -5.48
N SER A 9 -2.97 7.54 -4.68
CA SER A 9 -4.10 8.30 -5.21
C SER A 9 -4.24 9.66 -4.54
N GLY A 10 -3.42 9.96 -3.55
CA GLY A 10 -3.68 11.14 -2.74
C GLY A 10 -2.52 11.81 -2.05
N THR A 11 -2.68 12.04 -0.75
CA THR A 11 -1.77 12.85 0.05
C THR A 11 -0.34 12.32 0.05
N GLY A 12 -0.19 11.01 0.22
CA GLY A 12 1.11 10.40 0.17
C GLY A 12 1.91 10.38 1.47
N SER A 13 1.24 10.41 2.62
CA SER A 13 2.01 10.30 3.86
C SER A 13 2.66 8.92 3.98
N ASN A 14 2.00 7.87 3.52
CA ASN A 14 2.63 6.55 3.54
C ASN A 14 3.80 6.52 2.59
N LEU A 15 3.63 7.10 1.41
CA LEU A 15 4.75 7.22 0.47
C LEU A 15 5.94 7.90 1.14
N GLN A 16 5.71 8.99 1.85
CA GLN A 16 6.82 9.70 2.47
C GLN A 16 7.54 8.83 3.51
N ALA A 17 6.77 8.07 4.31
CA ALA A 17 7.39 7.17 5.28
C ALA A 17 8.25 6.10 4.59
N LEU A 18 7.78 5.61 3.45
CA LEU A 18 8.52 4.63 2.64
C LEU A 18 9.77 5.28 2.03
N ILE A 19 9.65 6.52 1.57
CA ILE A 19 10.82 7.23 1.04
C ILE A 19 11.87 7.34 2.15
N ASP A 20 11.45 7.79 3.33
CA ASP A 20 12.40 7.95 4.42
C ASP A 20 13.07 6.62 4.80
N SER A 21 12.28 5.56 4.90
N SER A 21 12.27 5.57 4.91
CA SER A 21 12.81 4.27 5.34
CA SER A 21 12.79 4.28 5.32
C SER A 21 13.74 3.64 4.31
C SER A 21 13.75 3.68 4.31
N THR A 22 13.38 3.76 3.03
CA THR A 22 14.15 3.10 1.99
C THR A 22 15.44 3.83 1.69
N ARG A 23 15.61 5.01 2.27
CA ARG A 23 16.87 5.73 2.09
C ARG A 23 17.88 5.51 3.23
N GLU A 24 17.47 4.79 4.27
N GLU A 24 17.46 4.78 4.26
CA GLU A 24 18.39 4.39 5.32
CA GLU A 24 18.38 4.38 5.32
C GLU A 24 19.39 3.40 4.75
C GLU A 24 19.38 3.39 4.75
N PRO A 25 20.65 3.46 5.20
CA PRO A 25 21.71 2.64 4.59
C PRO A 25 21.38 1.15 4.52
N ASN A 26 20.73 0.61 5.55
CA ASN A 26 20.48 -0.83 5.54
C ASN A 26 19.21 -1.24 4.82
N SER A 27 18.55 -0.29 4.15
CA SER A 27 17.35 -0.63 3.39
C SER A 27 17.62 -1.59 2.26
N SER A 28 16.81 -2.65 2.17
N SER A 28 16.81 -2.64 2.16
CA SER A 28 16.90 -3.61 1.07
CA SER A 28 16.92 -3.61 1.07
C SER A 28 16.02 -3.21 -0.11
C SER A 28 16.01 -3.23 -0.10
N ALA A 29 15.34 -2.09 0.02
CA ALA A 29 14.42 -1.62 -1.01
C ALA A 29 14.82 -0.24 -1.51
N GLN A 30 14.63 -0.01 -2.81
CA GLN A 30 14.81 1.32 -3.37
C GLN A 30 13.54 1.67 -4.13
N ILE A 31 13.07 2.91 -3.99
CA ILE A 31 11.87 3.32 -4.71
C ILE A 31 12.30 3.95 -6.03
N ASP A 32 11.91 3.33 -7.15
CA ASP A 32 12.36 3.78 -8.46
C ASP A 32 11.30 4.50 -9.27
N ILE A 33 10.05 4.41 -8.84
CA ILE A 33 8.96 5.08 -9.56
C ILE A 33 7.74 5.24 -8.65
N VAL A 34 7.07 6.38 -8.78
CA VAL A 34 5.80 6.61 -8.09
C VAL A 34 4.74 6.79 -9.17
N ILE A 35 3.65 6.04 -9.06
CA ILE A 35 2.56 6.13 -10.02
C ILE A 35 1.31 6.58 -9.31
N SER A 36 0.67 7.62 -9.85
CA SER A 36 -0.63 8.05 -9.33
C SER A 36 -1.69 7.87 -10.39
N ASN A 37 -2.92 7.51 -9.98
CA ASN A 37 -4.02 7.49 -10.93
C ASN A 37 -4.74 8.84 -10.96
N LYS A 38 -4.24 9.79 -10.18
CA LYS A 38 -4.85 11.11 -10.09
C LYS A 38 -3.82 12.21 -10.24
N ALA A 39 -4.12 13.21 -11.07
CA ALA A 39 -3.20 14.33 -11.27
C ALA A 39 -3.25 15.29 -10.08
N ALA A 40 -2.16 16.00 -9.87
CA ALA A 40 -2.11 17.15 -8.96
C ALA A 40 -2.39 16.78 -7.50
N VAL A 41 -2.02 15.57 -7.09
CA VAL A 41 -2.15 15.20 -5.69
C VAL A 41 -0.81 15.41 -4.98
N ALA A 42 -0.87 15.61 -3.66
CA ALA A 42 0.31 15.99 -2.89
C ALA A 42 1.40 14.92 -2.89
N GLY A 43 0.99 13.66 -3.06
CA GLY A 43 1.95 12.57 -3.11
C GLY A 43 2.96 12.75 -4.25
N LEU A 44 2.52 13.33 -5.35
CA LEU A 44 3.42 13.57 -6.49
C LEU A 44 4.45 14.64 -6.15
N ASP A 45 4.04 15.65 -5.38
CA ASP A 45 4.97 16.67 -4.90
C ASP A 45 6.05 16.05 -4.02
N LYS A 46 5.65 15.11 -3.16
CA LYS A 46 6.58 14.48 -2.24
C LYS A 46 7.60 13.66 -3.01
N ALA A 47 7.14 12.99 -4.07
CA ALA A 47 8.04 12.18 -4.89
C ALA A 47 9.04 13.07 -5.61
N GLU A 48 8.54 14.14 -6.21
CA GLU A 48 9.41 15.03 -6.98
C GLU A 48 10.44 15.67 -6.06
N ARG A 49 10.01 16.05 -4.87
CA ARG A 49 10.91 16.66 -3.89
C ARG A 49 12.02 15.69 -3.49
N ALA A 50 11.72 14.40 -3.53
CA ALA A 50 12.70 13.37 -3.19
C ALA A 50 13.51 12.90 -4.39
N GLY A 51 13.27 13.50 -5.56
CA GLY A 51 14.02 13.14 -6.76
C GLY A 51 13.62 11.81 -7.37
N ILE A 52 12.41 11.37 -7.06
CA ILE A 52 11.90 10.12 -7.63
C ILE A 52 10.97 10.39 -8.82
N PRO A 53 11.19 9.68 -9.95
CA PRO A 53 10.33 9.81 -11.13
C PRO A 53 8.86 9.55 -10.81
N THR A 54 7.98 10.26 -11.50
CA THR A 54 6.55 10.04 -11.32
C THR A 54 5.85 9.83 -12.67
N ARG A 55 4.76 9.08 -12.63
N ARG A 55 4.77 9.07 -12.64
CA ARG A 55 3.88 8.94 -13.79
CA ARG A 55 3.88 8.95 -13.80
C ARG A 55 2.43 9.02 -13.34
C ARG A 55 2.44 9.06 -13.32
N VAL A 56 1.62 9.77 -14.08
CA VAL A 56 0.19 9.82 -13.81
C VAL A 56 -0.52 8.97 -14.85
N ILE A 57 -1.23 7.94 -14.38
CA ILE A 57 -2.02 7.08 -15.25
C ILE A 57 -3.48 7.19 -14.86
N ASN A 58 -4.20 8.06 -15.58
CA ASN A 58 -5.59 8.37 -15.29
C ASN A 58 -6.52 7.22 -15.68
N HIS A 59 -7.11 6.56 -14.70
CA HIS A 59 -7.98 5.41 -14.97
C HIS A 59 -9.21 5.80 -15.78
N LYS A 60 -9.56 7.08 -15.74
CA LYS A 60 -10.74 7.56 -16.45
C LYS A 60 -10.52 7.71 -17.94
N LEU A 61 -9.29 7.46 -18.39
CA LEU A 61 -8.98 7.56 -19.81
C LEU A 61 -8.96 6.18 -20.47
N TYR A 62 -9.24 5.14 -19.67
CA TYR A 62 -9.18 3.77 -20.16
C TYR A 62 -10.56 3.13 -20.21
N LYS A 63 -10.74 2.22 -21.16
CA LYS A 63 -12.05 1.60 -21.39
C LYS A 63 -12.51 0.76 -20.21
N ASN A 64 -11.60 -0.03 -19.68
CA ASN A 64 -11.93 -0.94 -18.59
C ASN A 64 -10.75 -1.09 -17.65
N ARG A 65 -10.93 -1.89 -16.61
N ARG A 65 -10.93 -1.89 -16.61
CA ARG A 65 -9.90 -2.12 -15.60
CA ARG A 65 -9.90 -2.12 -15.60
C ARG A 65 -8.64 -2.76 -16.17
C ARG A 65 -8.65 -2.77 -16.18
N VAL A 66 -8.84 -3.73 -17.07
CA VAL A 66 -7.71 -4.48 -17.64
C VAL A 66 -6.77 -3.59 -18.47
N GLU A 67 -7.33 -2.64 -19.22
CA GLU A 67 -6.52 -1.72 -20.01
C GLU A 67 -5.73 -0.77 -19.11
N PHE A 68 -6.37 -0.30 -18.05
CA PHE A 68 -5.73 0.57 -17.06
C PHE A 68 -4.56 -0.16 -16.39
N ASP A 69 -4.82 -1.37 -15.93
CA ASP A 69 -3.78 -2.18 -15.28
C ASP A 69 -2.62 -2.48 -16.23
N SER A 70 -2.93 -2.67 -17.51
N SER A 70 -2.92 -2.66 -17.51
CA SER A 70 -1.90 -2.91 -18.50
CA SER A 70 -1.89 -2.91 -18.50
C SER A 70 -0.98 -1.70 -18.63
C SER A 70 -0.98 -1.70 -18.67
N ALA A 71 -1.56 -0.51 -18.52
CA ALA A 71 -0.78 0.72 -18.59
C ALA A 71 0.13 0.84 -17.38
N ILE A 72 -0.38 0.44 -16.22
CA ILE A 72 0.45 0.42 -15.03
C ILE A 72 1.59 -0.56 -15.22
N ASP A 73 1.24 -1.77 -15.64
CA ASP A 73 2.21 -2.84 -15.79
C ASP A 73 3.35 -2.46 -16.74
N LEU A 74 3.02 -1.72 -17.80
CA LEU A 74 4.04 -1.29 -18.76
C LEU A 74 5.10 -0.43 -18.06
N VAL A 75 4.66 0.45 -17.16
CA VAL A 75 5.59 1.31 -16.45
C VAL A 75 6.41 0.48 -15.44
N LEU A 76 5.76 -0.49 -14.81
CA LEU A 76 6.47 -1.38 -13.90
C LEU A 76 7.59 -2.13 -14.62
N GLU A 77 7.33 -2.57 -15.84
CA GLU A 77 8.37 -3.25 -16.61
C GLU A 77 9.45 -2.28 -17.05
N GLU A 78 9.05 -1.08 -17.44
CA GLU A 78 9.99 -0.04 -17.86
C GLU A 78 11.04 0.20 -16.79
N PHE A 79 10.61 0.16 -15.53
CA PHE A 79 11.50 0.43 -14.40
C PHE A 79 12.02 -0.83 -13.73
N SER A 80 11.82 -1.98 -14.38
N SER A 80 11.81 -1.99 -14.37
CA SER A 80 12.32 -3.27 -13.87
CA SER A 80 12.31 -3.27 -13.89
C SER A 80 11.97 -3.47 -12.40
C SER A 80 11.95 -3.50 -12.42
N ILE A 81 10.69 -3.25 -12.08
CA ILE A 81 10.24 -3.29 -10.70
C ILE A 81 10.09 -4.72 -10.18
N ASP A 82 10.50 -4.93 -8.93
CA ASP A 82 10.38 -6.21 -8.23
C ASP A 82 9.16 -6.27 -7.31
N ILE A 83 8.87 -5.14 -6.65
CA ILE A 83 7.85 -5.08 -5.61
C ILE A 83 6.97 -3.86 -5.81
N VAL A 84 5.67 -4.03 -5.65
CA VAL A 84 4.72 -2.92 -5.77
C VAL A 84 4.08 -2.64 -4.41
N CYS A 85 4.09 -1.37 -4.00
CA CYS A 85 3.41 -0.96 -2.76
C CYS A 85 2.21 -0.10 -3.10
N LEU A 86 1.03 -0.49 -2.65
CA LEU A 86 -0.17 0.34 -2.81
C LEU A 86 -0.30 1.19 -1.55
N ALA A 87 -0.13 2.50 -1.69
CA ALA A 87 -0.02 3.40 -0.55
C ALA A 87 -1.06 4.49 -0.71
N GLY A 88 -2.27 4.20 -0.27
CA GLY A 88 -3.41 5.07 -0.53
C GLY A 88 -3.88 5.06 -1.97
N PHE A 89 -3.51 4.02 -2.72
CA PHE A 89 -4.00 3.79 -4.07
C PHE A 89 -5.40 3.19 -3.99
N MET A 90 -6.39 3.85 -4.57
CA MET A 90 -7.77 3.48 -4.29
C MET A 90 -8.48 2.84 -5.47
N ARG A 91 -7.77 2.01 -6.24
CA ARG A 91 -8.41 1.24 -7.29
C ARG A 91 -8.26 -0.26 -7.04
N ILE A 92 -9.32 -1.00 -7.37
CA ILE A 92 -9.27 -2.45 -7.36
C ILE A 92 -8.52 -2.93 -8.60
N LEU A 93 -7.54 -3.81 -8.40
CA LEU A 93 -6.75 -4.34 -9.49
C LEU A 93 -7.36 -5.62 -10.06
N SER A 94 -7.21 -5.82 -11.36
CA SER A 94 -7.75 -6.98 -12.04
C SER A 94 -7.06 -8.28 -11.65
N GLY A 95 -7.78 -9.38 -11.79
CA GLY A 95 -7.25 -10.70 -11.49
C GLY A 95 -5.90 -11.02 -12.11
N PRO A 96 -5.76 -10.87 -13.43
CA PRO A 96 -4.48 -11.21 -14.06
C PRO A 96 -3.30 -10.35 -13.58
N PHE A 97 -3.54 -9.08 -13.30
CA PHE A 97 -2.50 -8.21 -12.78
C PHE A 97 -2.09 -8.68 -11.39
N VAL A 98 -3.07 -8.96 -10.55
CA VAL A 98 -2.81 -9.47 -9.21
C VAL A 98 -2.04 -10.80 -9.28
N GLN A 99 -2.45 -11.68 -10.19
CA GLN A 99 -1.75 -12.96 -10.30
C GLN A 99 -0.30 -12.78 -10.75
N LYS A 100 -0.07 -11.87 -11.69
CA LYS A 100 1.28 -11.64 -12.19
C LYS A 100 2.20 -11.17 -11.05
N TRP A 101 1.65 -10.33 -10.19
CA TRP A 101 2.43 -9.72 -9.12
C TRP A 101 2.24 -10.43 -7.80
N ASN A 102 1.69 -11.63 -7.86
CA ASN A 102 1.45 -12.40 -6.65
C ASN A 102 2.72 -12.63 -5.83
N GLY A 103 2.66 -12.26 -4.57
CA GLY A 103 3.78 -12.39 -3.67
C GLY A 103 4.74 -11.21 -3.76
N LYS A 104 4.39 -10.25 -4.61
N LYS A 104 4.40 -10.22 -4.58
CA LYS A 104 5.24 -9.10 -4.90
CA LYS A 104 5.30 -9.08 -4.76
C LYS A 104 4.51 -7.77 -4.77
C LYS A 104 4.59 -7.75 -4.55
N MET A 105 3.29 -7.79 -4.25
CA MET A 105 2.51 -6.56 -4.15
C MET A 105 1.88 -6.45 -2.76
N LEU A 106 2.17 -5.33 -2.10
CA LEU A 106 1.74 -5.07 -0.72
C LEU A 106 0.71 -3.94 -0.69
N ASN A 107 -0.24 -4.00 0.24
CA ASN A 107 -1.23 -2.93 0.44
C ASN A 107 -1.31 -2.56 1.91
N ILE A 108 -1.55 -1.28 2.19
CA ILE A 108 -1.83 -0.85 3.56
C ILE A 108 -3.32 -0.54 3.68
N HIS A 109 -3.93 -0.99 4.78
CA HIS A 109 -5.35 -0.82 4.98
C HIS A 109 -5.57 -0.37 6.43
N PRO A 110 -6.38 0.67 6.64
CA PRO A 110 -6.47 1.26 7.98
C PRO A 110 -7.51 0.61 8.89
N SER A 111 -7.46 -0.71 8.95
CA SER A 111 -8.17 -1.44 10.00
C SER A 111 -7.34 -2.66 10.36
N LEU A 112 -7.73 -3.32 11.45
CA LEU A 112 -7.21 -4.65 11.73
C LEU A 112 -8.03 -5.67 10.95
N LEU A 113 -7.57 -5.99 9.74
CA LEU A 113 -8.23 -7.02 8.95
C LEU A 113 -8.27 -8.31 9.75
N PRO A 114 -9.36 -9.07 9.64
CA PRO A 114 -10.43 -8.99 8.64
C PRO A 114 -11.61 -8.05 8.98
N SER A 115 -11.53 -7.28 10.06
CA SER A 115 -12.58 -6.30 10.33
C SER A 115 -12.50 -5.14 9.34
N PHE A 116 -13.66 -4.61 8.97
CA PHE A 116 -13.80 -3.32 8.28
C PHE A 116 -13.05 -3.29 6.96
N LYS A 117 -13.33 -4.29 6.12
CA LYS A 117 -12.82 -4.29 4.76
C LYS A 117 -13.49 -3.17 3.97
N GLY A 118 -12.84 -2.67 2.93
CA GLY A 118 -13.43 -1.63 2.08
C GLY A 118 -12.84 -0.24 2.21
N SER A 119 -13.56 0.76 1.67
CA SER A 119 -12.99 2.09 1.44
C SER A 119 -13.09 3.09 2.58
N ASN A 120 -13.97 2.80 3.54
N ASN A 120 -14.03 2.87 3.49
CA ASN A 120 -14.32 3.69 4.62
CA ASN A 120 -14.20 3.79 4.63
C ASN A 120 -14.11 3.06 5.98
C ASN A 120 -14.11 3.02 5.93
N ALA A 121 -12.96 2.42 6.17
CA ALA A 121 -12.74 1.62 7.36
C ALA A 121 -12.96 2.39 8.65
N HIS A 122 -12.51 3.64 8.73
CA HIS A 122 -12.69 4.41 9.97
C HIS A 122 -14.16 4.68 10.26
N GLU A 123 -14.92 5.01 9.22
CA GLU A 123 -16.35 5.21 9.40
C GLU A 123 -16.98 3.96 9.98
N GLN A 124 -16.56 2.82 9.45
CA GLN A 124 -17.09 1.54 9.93
C GLN A 124 -16.69 1.28 11.38
N ALA A 125 -15.43 1.53 11.70
CA ALA A 125 -14.94 1.31 13.06
C ALA A 125 -15.72 2.17 14.05
N LEU A 126 -15.95 3.43 13.69
CA LEU A 126 -16.66 4.33 14.59
C LEU A 126 -18.13 3.94 14.73
N GLU A 127 -18.75 3.54 13.61
N GLU A 127 -18.75 3.55 13.61
CA GLU A 127 -20.16 3.13 13.66
CA GLU A 127 -20.14 3.12 13.63
C GLU A 127 -20.33 1.88 14.50
C GLU A 127 -20.32 1.90 14.51
N THR A 128 -19.39 0.96 14.37
CA THR A 128 -19.45 -0.30 15.12
C THR A 128 -19.18 -0.10 16.61
N GLY A 129 -18.33 0.87 16.93
CA GLY A 129 -18.08 1.20 18.33
C GLY A 129 -16.92 0.43 18.95
N VAL A 130 -15.99 -0.06 18.13
CA VAL A 130 -14.80 -0.69 18.69
C VAL A 130 -14.01 0.32 19.51
N THR A 131 -13.26 -0.15 20.51
CA THR A 131 -12.33 0.73 21.23
C THR A 131 -10.89 0.48 20.80
N VAL A 132 -10.68 -0.55 19.98
CA VAL A 132 -9.37 -0.83 19.40
C VAL A 132 -9.52 -1.01 17.90
N THR A 133 -8.76 -0.24 17.13
CA THR A 133 -8.70 -0.48 15.69
C THR A 133 -7.22 -0.63 15.35
N GLY A 134 -6.82 -0.29 14.13
CA GLY A 134 -5.42 -0.42 13.80
C GLY A 134 -5.23 -0.38 12.31
N CYS A 135 -4.10 -0.91 11.85
CA CYS A 135 -3.85 -0.98 10.43
C CYS A 135 -3.16 -2.30 10.09
N THR A 136 -3.18 -2.63 8.81
CA THR A 136 -2.72 -3.93 8.30
C THR A 136 -1.93 -3.74 7.01
N VAL A 137 -0.76 -4.36 6.91
CA VAL A 137 -0.13 -4.51 5.61
C VAL A 137 -0.28 -5.94 5.18
N HIS A 138 -0.77 -6.16 3.96
CA HIS A 138 -1.01 -7.52 3.47
C HIS A 138 -0.57 -7.67 2.03
N PHE A 139 -0.28 -8.91 1.64
CA PHE A 139 -0.09 -9.20 0.22
C PHE A 139 -1.42 -9.02 -0.50
N VAL A 140 -1.37 -8.50 -1.71
CA VAL A 140 -2.61 -8.28 -2.46
C VAL A 140 -3.04 -9.54 -3.20
N ALA A 141 -4.26 -10.01 -2.89
CA ALA A 141 -4.87 -11.14 -3.57
C ALA A 141 -6.04 -10.61 -4.40
N GLU A 142 -6.67 -11.45 -5.22
N GLU A 142 -6.66 -11.48 -5.21
CA GLU A 142 -7.75 -10.95 -6.06
CA GLU A 142 -7.74 -11.05 -6.09
C GLU A 142 -8.90 -10.43 -5.20
C GLU A 142 -8.92 -10.52 -5.29
N ASP A 143 -9.28 -11.21 -4.20
N ASP A 143 -9.27 -11.23 -4.23
CA ASP A 143 -10.31 -10.80 -3.25
CA ASP A 143 -10.31 -10.76 -3.32
C ASP A 143 -9.79 -9.62 -2.43
C ASP A 143 -9.77 -9.60 -2.48
N VAL A 144 -10.45 -8.47 -2.55
CA VAL A 144 -9.98 -7.24 -1.90
C VAL A 144 -9.88 -7.37 -0.37
N ASP A 145 -8.74 -6.94 0.17
CA ASP A 145 -8.45 -6.91 1.60
C ASP A 145 -8.48 -8.30 2.24
N ALA A 146 -8.26 -9.33 1.43
CA ALA A 146 -8.30 -10.72 1.91
C ALA A 146 -6.97 -11.45 1.78
N GLY A 147 -5.95 -10.78 1.22
CA GLY A 147 -4.66 -11.41 1.01
C GLY A 147 -3.89 -11.63 2.31
N GLN A 148 -2.76 -12.33 2.21
CA GLN A 148 -2.04 -12.77 3.40
C GLN A 148 -1.44 -11.61 4.20
N ILE A 149 -1.73 -11.61 5.49
CA ILE A 149 -1.31 -10.52 6.38
C ILE A 149 0.17 -10.61 6.72
N ILE A 150 0.86 -9.48 6.59
CA ILE A 150 2.29 -9.42 6.89
C ILE A 150 2.54 -8.81 8.26
N LEU A 151 2.03 -7.60 8.49
CA LEU A 151 2.15 -6.93 9.79
C LEU A 151 0.87 -6.18 10.12
N GLN A 152 0.62 -6.00 11.41
CA GLN A 152 -0.51 -5.21 11.90
C GLN A 152 -0.07 -4.45 13.12
N GLU A 153 -0.77 -3.36 13.41
CA GLU A 153 -0.53 -2.62 14.65
C GLU A 153 -1.86 -2.09 15.16
N ALA A 154 -2.13 -2.36 16.43
CA ALA A 154 -3.36 -1.87 17.06
C ALA A 154 -3.23 -0.41 17.48
N VAL A 155 -4.34 0.31 17.37
CA VAL A 155 -4.44 1.72 17.71
C VAL A 155 -5.73 1.95 18.47
N PRO A 156 -5.66 2.65 19.62
CA PRO A 156 -6.91 2.84 20.37
C PRO A 156 -7.85 3.81 19.69
N VAL A 157 -9.14 3.61 19.90
CA VAL A 157 -10.17 4.58 19.55
C VAL A 157 -10.47 5.35 20.81
N LYS A 158 -10.46 6.68 20.72
CA LYS A 158 -10.74 7.50 21.88
C LYS A 158 -12.16 8.02 21.80
N ARG A 159 -12.79 8.18 22.97
N ARG A 159 -12.81 8.20 22.94
CA ARG A 159 -14.10 8.81 23.06
CA ARG A 159 -14.18 8.65 22.91
C ARG A 159 -14.14 10.09 22.25
C ARG A 159 -14.26 10.07 22.37
N GLY A 160 -15.17 10.26 21.43
CA GLY A 160 -15.31 11.50 20.69
C GLY A 160 -14.51 11.52 19.40
N ASP A 161 -13.82 10.42 19.07
CA ASP A 161 -13.05 10.38 17.83
C ASP A 161 -13.94 10.61 16.61
N THR A 162 -13.33 11.19 15.59
CA THR A 162 -13.95 11.35 14.29
C THR A 162 -13.04 10.69 13.29
N VAL A 163 -13.46 10.59 12.04
CA VAL A 163 -12.55 10.11 11.00
C VAL A 163 -11.27 10.93 11.01
N ALA A 164 -11.38 12.24 11.19
CA ALA A 164 -10.20 13.10 11.22
C ALA A 164 -9.20 12.71 12.30
N THR A 165 -9.68 12.55 13.53
CA THR A 165 -8.74 12.28 14.62
C THR A 165 -8.31 10.82 14.65
N LEU A 166 -9.21 9.91 14.30
CA LEU A 166 -8.84 8.49 14.29
C LEU A 166 -7.87 8.18 13.15
N SER A 167 -8.13 8.71 11.96
N SER A 167 -8.13 8.71 11.96
CA SER A 167 -7.22 8.44 10.84
CA SER A 167 -7.24 8.47 10.82
C SER A 167 -5.83 9.00 11.12
C SER A 167 -5.84 9.02 11.10
N GLU A 168 -5.77 10.15 11.79
CA GLU A 168 -4.49 10.74 12.15
C GLU A 168 -3.70 9.81 13.07
N ARG A 169 -4.38 9.24 14.06
CA ARG A 169 -3.72 8.36 15.02
C ARG A 169 -3.29 7.08 14.32
N VAL A 170 -4.17 6.54 13.48
CA VAL A 170 -3.84 5.28 12.79
C VAL A 170 -2.71 5.48 11.77
N LYS A 171 -2.62 6.66 11.16
CA LYS A 171 -1.53 6.89 10.21
C LYS A 171 -0.15 6.85 10.88
N LEU A 172 -0.07 7.21 12.16
CA LEU A 172 1.20 7.09 12.87
C LEU A 172 1.69 5.64 12.87
N ALA A 173 0.73 4.72 13.02
CA ALA A 173 1.06 3.29 13.00
C ALA A 173 1.34 2.80 11.58
N GLU A 174 0.57 3.32 10.62
CA GLU A 174 0.76 2.93 9.22
C GLU A 174 2.19 3.22 8.80
N HIS A 175 2.70 4.37 9.24
CA HIS A 175 4.02 4.82 8.86
C HIS A 175 5.14 4.02 9.52
N LYS A 176 4.77 3.18 10.48
N LYS A 176 4.77 3.20 10.50
CA LYS A 176 5.72 2.26 11.09
CA LYS A 176 5.70 2.26 11.11
C LYS A 176 5.66 0.91 10.40
C LYS A 176 5.66 0.93 10.37
N ILE A 177 4.47 0.34 10.27
CA ILE A 177 4.40 -1.03 9.75
C ILE A 177 4.59 -1.12 8.23
N PHE A 178 4.28 -0.08 7.46
CA PHE A 178 4.45 -0.27 6.02
C PHE A 178 5.95 -0.30 5.67
N PRO A 179 6.76 0.63 6.20
CA PRO A 179 8.21 0.47 5.98
C PRO A 179 8.76 -0.85 6.52
N ALA A 180 8.29 -1.29 7.68
CA ALA A 180 8.80 -2.53 8.24
C ALA A 180 8.45 -3.71 7.33
N ALA A 181 7.19 -3.74 6.86
CA ALA A 181 6.74 -4.82 5.98
C ALA A 181 7.51 -4.84 4.67
N LEU A 182 7.71 -3.66 4.10
CA LEU A 182 8.44 -3.59 2.84
C LEU A 182 9.86 -4.14 3.03
N GLN A 183 10.49 -3.79 4.16
CA GLN A 183 11.84 -4.29 4.42
C GLN A 183 11.85 -5.82 4.57
N LEU A 184 10.83 -6.36 5.25
CA LEU A 184 10.73 -7.82 5.40
C LEU A 184 10.63 -8.54 4.05
N VAL A 185 9.83 -8.00 3.15
CA VAL A 185 9.67 -8.64 1.84
C VAL A 185 10.89 -8.40 0.93
N ALA A 186 11.41 -7.18 0.92
CA ALA A 186 12.53 -6.85 0.06
C ALA A 186 13.81 -7.60 0.44
N SER A 187 13.95 -7.91 1.72
N SER A 187 13.96 -7.90 1.72
CA SER A 187 15.13 -8.62 2.21
CA SER A 187 15.14 -8.63 2.20
C SER A 187 14.97 -10.13 2.06
C SER A 187 15.01 -10.12 1.90
N GLY A 188 13.79 -10.57 1.64
CA GLY A 188 13.52 -11.99 1.45
C GLY A 188 13.26 -12.69 2.77
N THR A 189 13.04 -11.91 3.83
CA THR A 189 12.76 -12.46 5.15
C THR A 189 11.36 -13.08 5.21
N VAL A 190 10.42 -12.40 4.55
CA VAL A 190 9.05 -12.87 4.48
C VAL A 190 8.68 -13.09 3.02
N GLN A 191 8.04 -14.21 2.71
CA GLN A 191 7.52 -14.41 1.37
C GLN A 191 6.18 -15.09 1.45
N LEU A 192 5.45 -15.03 0.36
CA LEU A 192 4.21 -15.77 0.21
C LEU A 192 4.60 -17.22 -0.07
N GLY A 193 4.18 -18.14 0.78
CA GLY A 193 4.55 -19.53 0.61
C GLY A 193 3.85 -20.23 -0.55
N GLU A 194 4.39 -21.37 -0.97
CA GLU A 194 3.80 -22.16 -2.05
C GLU A 194 2.37 -22.59 -1.70
N ASN A 195 2.11 -22.80 -0.42
CA ASN A 195 0.75 -23.12 0.04
C ASN A 195 -0.11 -21.87 0.17
N GLY A 196 0.45 -20.74 -0.25
CA GLY A 196 -0.27 -19.48 -0.23
C GLY A 196 -0.20 -18.75 1.11
N LYS A 197 0.32 -19.43 2.13
CA LYS A 197 0.40 -18.84 3.46
C LYS A 197 1.71 -18.07 3.62
N ILE A 198 1.76 -17.17 4.60
CA ILE A 198 2.97 -16.36 4.77
C ILE A 198 4.10 -17.21 5.35
N CYS A 199 5.28 -17.05 4.79
CA CYS A 199 6.44 -17.83 5.19
C CYS A 199 7.56 -16.92 5.71
N TRP A 200 7.95 -17.12 6.97
CA TRP A 200 9.11 -16.43 7.50
C TRP A 200 10.33 -17.31 7.32
N VAL A 201 11.21 -16.89 6.41
CA VAL A 201 12.44 -17.64 6.15
C VAL A 201 13.48 -17.40 7.24
#